data_1EUS
#
_entry.id   1EUS
#
_cell.length_a   48.000
_cell.length_b   82.860
_cell.length_c   84.940
_cell.angle_alpha   90.00
_cell.angle_beta   90.00
_cell.angle_gamma   90.00
#
_symmetry.space_group_name_H-M   'P 21 21 21'
#
loop_
_entity.id
_entity.type
_entity.pdbx_description
1 polymer SIALIDASE
2 non-polymer '2-DEOXY-2,3-DEHYDRO-N-ACETYL-NEURAMINIC ACID'
3 water water
#
_entity_poly.entity_id   1
_entity_poly.type   'polypeptide(L)'
_entity_poly.pdbx_seq_one_letter_code
;VPPGGEPLYTEQDLAVNGREGFPNYRIPALTVTPDGDLLASYDGRPTGIDAPGPNSILQRRSTDGGRTWGEQQVVSAGQT
TAPIKGFSDPSYLVDRETGTIFNFHVYSQRQGFAGSRPGTDPADPNVLHANVATSTDGGLTWSHRTITADITPDPGWRSR
FAASGEGIQLRYGPHAGRLIQQYTIINAAGAFQAVSVYSDDHGRTWRAGEAVGVGMDENKTVELSDGRVLLNSRDSARSG
YRKVAVSTDGGHSYGPVTIDRDLPDPTNNASIIRAFPDAPAGSARAKVLLFSNAASQTSRSQGTIRMSCDDGQTWPVSKV
FQPGSMSYSTLTALPDGTYGLLYEPGTGIRYANFNLAWLGGICAP
;
_entity_poly.pdbx_strand_id   A
#
# COMPACT_ATOMS: atom_id res chain seq x y z
N GLY A 5 -16.48 -24.26 3.75
CA GLY A 5 -15.89 -25.00 2.59
C GLY A 5 -14.56 -25.67 2.90
N GLU A 6 -13.83 -25.99 1.84
CA GLU A 6 -12.53 -26.64 1.93
C GLU A 6 -11.42 -25.58 1.87
N PRO A 7 -10.47 -25.65 2.84
CA PRO A 7 -9.34 -24.73 2.94
C PRO A 7 -8.49 -24.72 1.66
N LEU A 8 -8.09 -23.52 1.27
CA LEU A 8 -7.27 -23.30 0.12
C LEU A 8 -6.12 -22.39 0.42
N TYR A 9 -4.90 -22.83 0.08
CA TYR A 9 -3.72 -22.00 0.22
C TYR A 9 -2.70 -22.44 -0.79
N THR A 10 -2.39 -21.56 -1.74
CA THR A 10 -1.40 -21.90 -2.73
C THR A 10 -0.53 -20.68 -2.96
N GLU A 11 0.69 -20.89 -3.43
CA GLU A 11 1.59 -19.77 -3.71
C GLU A 11 2.58 -20.06 -4.85
N GLN A 12 3.04 -19.00 -5.52
CA GLN A 12 4.00 -19.15 -6.62
C GLN A 12 4.76 -17.85 -6.70
N ASP A 13 6.02 -17.92 -7.09
CA ASP A 13 6.85 -16.71 -7.19
C ASP A 13 6.52 -15.94 -8.46
N LEU A 14 6.50 -14.61 -8.38
CA LEU A 14 6.23 -13.77 -9.56
C LEU A 14 7.53 -13.15 -10.01
N ALA A 15 8.47 -12.98 -9.08
CA ALA A 15 9.75 -12.39 -9.40
C ALA A 15 10.80 -12.95 -8.45
N VAL A 16 11.93 -13.41 -8.99
CA VAL A 16 12.97 -13.89 -8.11
C VAL A 16 14.25 -13.18 -8.46
N ASN A 17 14.92 -12.75 -7.40
CA ASN A 17 16.16 -11.99 -7.50
C ASN A 17 17.17 -12.60 -8.47
N GLY A 18 17.56 -11.78 -9.46
CA GLY A 18 18.53 -12.20 -10.46
C GLY A 18 17.95 -12.69 -11.78
N ARG A 19 16.67 -13.00 -11.82
CA ARG A 19 16.06 -13.47 -13.05
C ARG A 19 15.16 -12.41 -13.66
N GLU A 20 15.06 -12.46 -14.99
CA GLU A 20 14.24 -11.54 -15.79
C GLU A 20 14.71 -10.11 -15.85
N GLY A 21 16.00 -9.90 -15.65
CA GLY A 21 16.54 -8.56 -15.80
C GLY A 21 16.99 -7.69 -14.65
N PHE A 22 16.66 -8.05 -13.42
CA PHE A 22 17.04 -7.24 -12.29
C PHE A 22 17.63 -8.14 -11.22
N PRO A 23 18.72 -7.67 -10.57
CA PRO A 23 19.36 -8.47 -9.52
C PRO A 23 18.54 -8.55 -8.24
N ASN A 24 17.63 -7.59 -8.04
CA ASN A 24 16.83 -7.56 -6.83
C ASN A 24 15.42 -7.00 -7.11
N TYR A 25 14.43 -7.60 -6.45
CA TYR A 25 13.03 -7.21 -6.59
C TYR A 25 12.45 -6.99 -5.19
N ARG A 26 11.67 -5.93 -5.01
CA ARG A 26 11.07 -5.65 -3.71
C ARG A 26 9.84 -4.77 -3.83
N ILE A 27 9.12 -4.66 -2.71
CA ILE A 27 7.94 -3.80 -2.54
C ILE A 27 6.71 -4.14 -3.36
N PRO A 28 5.83 -4.99 -2.82
CA PRO A 28 4.60 -5.44 -3.47
C PRO A 28 3.38 -4.49 -3.38
N ALA A 29 2.62 -4.49 -4.48
CA ALA A 29 1.39 -3.73 -4.68
C ALA A 29 0.53 -4.70 -5.52
N LEU A 30 -0.73 -4.84 -5.15
CA LEU A 30 -1.63 -5.79 -5.82
C LEU A 30 -3.03 -5.19 -5.92
N THR A 31 -3.73 -5.52 -7.00
CA THR A 31 -5.08 -5.03 -7.20
C THR A 31 -5.83 -5.86 -8.25
N VAL A 32 -7.13 -5.60 -8.35
CA VAL A 32 -7.97 -6.29 -9.32
C VAL A 32 -8.62 -5.21 -10.19
N THR A 33 -8.53 -5.39 -11.51
CA THR A 33 -9.12 -4.41 -12.44
C THR A 33 -10.65 -4.63 -12.50
N PRO A 34 -11.40 -3.65 -13.03
CA PRO A 34 -12.84 -3.84 -13.12
C PRO A 34 -13.18 -5.05 -13.99
N ASP A 35 -12.30 -5.34 -14.95
CA ASP A 35 -12.48 -6.51 -15.83
C ASP A 35 -12.21 -7.79 -15.10
N GLY A 36 -11.61 -7.67 -13.91
CA GLY A 36 -11.30 -8.85 -13.12
C GLY A 36 -9.87 -9.36 -13.23
N ASP A 37 -9.03 -8.67 -14.00
CA ASP A 37 -7.63 -9.07 -14.13
C ASP A 37 -6.87 -8.72 -12.86
N LEU A 38 -5.93 -9.56 -12.47
CA LEU A 38 -5.12 -9.27 -11.29
C LEU A 38 -3.84 -8.55 -11.76
N LEU A 39 -3.48 -7.46 -11.08
CA LEU A 39 -2.26 -6.72 -11.39
C LEU A 39 -1.32 -6.75 -10.20
N ALA A 40 -0.07 -7.14 -10.45
CA ALA A 40 0.96 -7.19 -9.41
C ALA A 40 2.04 -6.21 -9.82
N SER A 41 2.41 -5.31 -8.91
CA SER A 41 3.43 -4.30 -9.19
C SER A 41 4.50 -4.38 -8.11
N TYR A 42 5.73 -4.01 -8.46
CA TYR A 42 6.85 -4.05 -7.52
C TYR A 42 8.04 -3.32 -8.11
N ASP A 43 9.07 -3.15 -7.28
CA ASP A 43 10.31 -2.50 -7.68
C ASP A 43 11.26 -3.48 -8.39
N GLY A 44 11.96 -2.95 -9.39
CA GLY A 44 13.00 -3.69 -10.09
C GLY A 44 14.14 -2.81 -9.60
N ARG A 45 15.11 -3.39 -8.88
CA ARG A 45 16.20 -2.61 -8.31
C ARG A 45 17.59 -2.98 -8.81
N PRO A 46 18.16 -2.18 -9.72
CA PRO A 46 19.49 -2.39 -10.33
C PRO A 46 20.63 -2.47 -9.31
N THR A 47 20.54 -1.68 -8.25
CA THR A 47 21.58 -1.64 -7.23
C THR A 47 21.07 -2.17 -5.89
N GLY A 48 19.95 -2.88 -5.94
CA GLY A 48 19.32 -3.49 -4.77
C GLY A 48 19.11 -2.59 -3.57
N ILE A 49 18.78 -1.33 -3.83
CA ILE A 49 18.61 -0.38 -2.73
C ILE A 49 17.33 0.47 -2.89
N ASP A 50 16.93 1.15 -1.83
CA ASP A 50 15.74 2.04 -1.86
C ASP A 50 16.10 3.33 -2.59
N ALA A 51 15.13 4.23 -2.76
CA ALA A 51 15.37 5.51 -3.41
C ALA A 51 16.52 6.13 -2.58
N PRO A 52 17.44 6.87 -3.22
CA PRO A 52 17.55 7.23 -4.64
C PRO A 52 18.12 6.21 -5.66
N GLY A 53 18.02 4.92 -5.33
CA GLY A 53 18.47 3.91 -6.28
C GLY A 53 17.69 4.11 -7.59
N PRO A 54 18.29 3.88 -8.77
CA PRO A 54 17.63 4.05 -10.06
C PRO A 54 16.63 2.93 -10.35
N ASN A 55 15.61 2.85 -9.52
CA ASN A 55 14.62 1.79 -9.61
C ASN A 55 13.56 1.98 -10.67
N SER A 56 12.90 0.87 -11.00
CA SER A 56 11.82 0.84 -11.98
C SER A 56 10.58 0.24 -11.35
N ILE A 57 9.41 0.71 -11.79
CA ILE A 57 8.14 0.17 -11.31
C ILE A 57 7.74 -0.88 -12.35
N LEU A 58 7.59 -2.13 -11.90
CA LEU A 58 7.24 -3.22 -12.82
C LEU A 58 5.83 -3.75 -12.59
N GLN A 59 5.30 -4.45 -13.58
CA GLN A 59 3.97 -4.99 -13.44
C GLN A 59 3.80 -6.31 -14.19
N ARG A 60 3.03 -7.21 -13.59
CA ARG A 60 2.67 -8.51 -14.19
C ARG A 60 1.15 -8.60 -14.07
N ARG A 61 0.55 -9.19 -15.09
CA ARG A 61 -0.89 -9.33 -15.17
C ARG A 61 -1.37 -10.78 -15.24
N SER A 62 -2.46 -11.08 -14.55
CA SER A 62 -3.05 -12.42 -14.62
C SER A 62 -4.50 -12.23 -15.11
N THR A 63 -4.85 -12.98 -16.14
CA THR A 63 -6.18 -12.90 -16.73
C THR A 63 -7.05 -14.09 -16.39
N ASP A 64 -6.54 -14.99 -15.55
CA ASP A 64 -7.29 -16.17 -15.18
C ASP A 64 -7.37 -16.37 -13.67
N GLY A 65 -7.50 -15.26 -12.95
CA GLY A 65 -7.63 -15.30 -11.51
C GLY A 65 -6.38 -15.54 -10.66
N GLY A 66 -5.20 -15.35 -11.25
CA GLY A 66 -3.96 -15.56 -10.51
C GLY A 66 -3.24 -16.87 -10.76
N ARG A 67 -3.81 -17.71 -11.61
CA ARG A 67 -3.22 -19.01 -11.93
C ARG A 67 -1.98 -18.86 -12.82
N THR A 68 -2.12 -18.08 -13.88
CA THR A 68 -1.05 -17.86 -14.84
C THR A 68 -0.78 -16.36 -14.90
N TRP A 69 0.50 -15.99 -15.01
CA TRP A 69 0.89 -14.59 -15.07
C TRP A 69 1.65 -14.26 -16.35
N GLY A 70 1.29 -13.12 -16.94
CA GLY A 70 1.92 -12.65 -18.16
C GLY A 70 3.31 -12.07 -17.92
N GLU A 71 3.95 -11.54 -18.95
CA GLU A 71 5.29 -11.02 -18.80
C GLU A 71 5.39 -9.70 -18.04
N GLN A 72 6.57 -9.53 -17.45
CA GLN A 72 6.93 -8.37 -16.68
C GLN A 72 7.05 -7.18 -17.65
N GLN A 73 6.26 -6.14 -17.39
CA GLN A 73 6.25 -4.94 -18.23
C GLN A 73 6.65 -3.75 -17.35
N VAL A 74 7.16 -2.70 -17.96
CA VAL A 74 7.58 -1.54 -17.22
C VAL A 74 6.54 -0.41 -17.21
N VAL A 75 6.19 0.05 -16.00
CA VAL A 75 5.24 1.15 -15.85
C VAL A 75 6.03 2.46 -15.88
N SER A 76 7.06 2.55 -15.03
CA SER A 76 7.91 3.72 -14.98
C SER A 76 9.35 3.22 -14.97
N ALA A 77 10.12 3.65 -15.97
CA ALA A 77 11.51 3.23 -16.08
C ALA A 77 12.53 4.15 -15.45
N GLY A 78 13.36 3.58 -14.58
CA GLY A 78 14.42 4.35 -13.95
C GLY A 78 15.52 4.57 -14.97
N GLN A 79 16.46 5.47 -14.67
CA GLN A 79 17.58 5.79 -15.56
C GLN A 79 18.85 5.55 -14.73
N THR A 80 19.63 4.54 -15.12
CA THR A 80 20.85 4.17 -14.41
C THR A 80 22.07 5.02 -14.79
N THR A 81 21.96 5.73 -15.90
CA THR A 81 23.01 6.63 -16.35
C THR A 81 22.68 8.04 -15.88
N ALA A 82 23.70 8.85 -15.60
CA ALA A 82 23.47 10.22 -15.16
C ALA A 82 22.90 11.01 -16.35
N PRO A 83 21.84 11.83 -16.14
CA PRO A 83 21.08 12.11 -14.92
C PRO A 83 20.23 10.94 -14.38
N ILE A 84 20.65 10.42 -13.23
CA ILE A 84 19.98 9.28 -12.60
C ILE A 84 18.57 9.59 -12.10
N LYS A 85 17.63 8.71 -12.41
CA LYS A 85 16.24 8.86 -11.96
C LYS A 85 15.73 7.50 -11.47
N GLY A 86 14.89 7.50 -10.43
CA GLY A 86 14.37 6.25 -9.90
C GLY A 86 12.90 6.35 -9.59
N PHE A 87 12.21 5.22 -9.69
CA PHE A 87 10.79 5.10 -9.41
C PHE A 87 10.60 3.86 -8.54
N SER A 88 10.10 4.07 -7.30
CA SER A 88 9.92 3.04 -6.28
C SER A 88 8.65 3.11 -5.46
N ASP A 89 8.44 2.04 -4.67
CA ASP A 89 7.31 1.89 -3.75
C ASP A 89 5.97 2.13 -4.36
N PRO A 90 5.47 1.17 -5.15
CA PRO A 90 4.16 1.32 -5.79
C PRO A 90 2.97 1.03 -4.90
N SER A 91 1.90 1.76 -5.18
CA SER A 91 0.63 1.56 -4.51
C SER A 91 -0.45 1.70 -5.57
N TYR A 92 -1.30 0.70 -5.69
CA TYR A 92 -2.41 0.74 -6.65
C TYR A 92 -3.65 1.35 -6.01
N LEU A 93 -4.52 1.91 -6.82
CA LEU A 93 -5.76 2.48 -6.33
C LEU A 93 -6.69 2.45 -7.54
N VAL A 94 -7.82 1.77 -7.39
CA VAL A 94 -8.80 1.64 -8.46
C VAL A 94 -10.06 2.43 -8.11
N ASP A 95 -10.50 3.27 -9.06
CA ASP A 95 -11.74 4.02 -8.88
C ASP A 95 -12.76 3.07 -9.49
N ARG A 96 -13.54 2.40 -8.64
CA ARG A 96 -14.52 1.42 -9.11
C ARG A 96 -15.70 2.07 -9.81
N GLU A 97 -15.91 3.36 -9.58
CA GLU A 97 -17.00 4.07 -10.23
C GLU A 97 -16.66 4.37 -11.70
N THR A 98 -15.45 4.90 -11.95
CA THR A 98 -15.06 5.23 -13.32
C THR A 98 -14.26 4.14 -14.02
N GLY A 99 -13.70 3.23 -13.25
CA GLY A 99 -12.90 2.15 -13.82
C GLY A 99 -11.43 2.53 -14.03
N THR A 100 -11.03 3.70 -13.54
CA THR A 100 -9.65 4.18 -13.66
C THR A 100 -8.71 3.59 -12.62
N ILE A 101 -7.49 3.26 -13.04
CA ILE A 101 -6.49 2.66 -12.15
C ILE A 101 -5.33 3.64 -11.95
N PHE A 102 -4.88 3.77 -10.71
CA PHE A 102 -3.77 4.66 -10.41
C PHE A 102 -2.64 3.84 -9.79
N ASN A 103 -1.41 4.27 -10.04
CA ASN A 103 -0.24 3.61 -9.46
C ASN A 103 0.62 4.74 -8.92
N PHE A 104 0.61 4.90 -7.61
CA PHE A 104 1.39 5.94 -6.98
C PHE A 104 2.79 5.45 -6.70
N HIS A 105 3.76 6.33 -6.83
CA HIS A 105 5.13 5.97 -6.51
C HIS A 105 6.00 7.19 -6.43
N VAL A 106 7.17 6.95 -5.87
CA VAL A 106 8.22 7.91 -5.68
C VAL A 106 8.90 8.21 -7.02
N TYR A 107 9.39 9.44 -7.17
CA TYR A 107 10.17 9.87 -8.32
C TYR A 107 11.39 10.49 -7.64
N SER A 108 12.51 9.78 -7.66
CA SER A 108 13.71 10.27 -7.02
C SER A 108 14.78 10.67 -8.04
N GLN A 109 15.68 11.54 -7.63
CA GLN A 109 16.78 11.96 -8.46
C GLN A 109 18.05 11.81 -7.62
N ARG A 110 18.42 12.83 -6.86
CA ARG A 110 19.61 12.76 -6.01
C ARG A 110 19.29 12.32 -4.57
N GLN A 111 18.06 12.56 -4.13
CA GLN A 111 17.71 12.24 -2.75
C GLN A 111 16.61 11.21 -2.56
N GLY A 112 16.67 10.57 -1.41
CA GLY A 112 15.66 9.58 -1.04
C GLY A 112 14.78 10.26 0.01
N PHE A 113 14.09 9.44 0.80
CA PHE A 113 13.18 9.92 1.82
C PHE A 113 13.82 10.72 2.93
N ALA A 114 14.87 10.20 3.54
CA ALA A 114 15.51 10.90 4.64
C ALA A 114 16.23 12.18 4.22
N GLY A 115 16.76 12.20 3.00
CA GLY A 115 17.51 13.35 2.52
C GLY A 115 16.81 14.45 1.76
N SER A 116 15.55 14.23 1.41
CA SER A 116 14.76 15.22 0.66
C SER A 116 14.73 16.60 1.34
N ARG A 117 14.90 17.65 0.53
CA ARG A 117 14.88 19.04 1.02
C ARG A 117 13.49 19.62 0.71
N PRO A 118 13.11 20.72 1.38
CA PRO A 118 11.80 21.29 1.07
C PRO A 118 11.80 21.80 -0.37
N GLY A 119 10.64 21.87 -0.98
CA GLY A 119 10.58 22.31 -2.35
C GLY A 119 9.55 21.48 -3.07
N THR A 120 9.06 22.02 -4.19
CA THR A 120 8.01 21.38 -4.94
C THR A 120 8.22 21.29 -6.48
N ASP A 121 9.25 21.98 -6.94
CA ASP A 121 9.62 22.04 -8.35
C ASP A 121 10.01 20.67 -8.87
N PRO A 122 9.31 20.17 -9.91
CA PRO A 122 9.64 18.86 -10.48
C PRO A 122 11.08 18.79 -11.00
N ALA A 123 11.61 19.94 -11.39
CA ALA A 123 12.97 20.00 -11.92
C ALA A 123 14.05 19.99 -10.83
N ASP A 124 13.65 20.20 -9.58
CA ASP A 124 14.60 20.22 -8.48
C ASP A 124 15.02 18.78 -8.17
N PRO A 125 16.31 18.43 -8.36
CA PRO A 125 16.80 17.08 -8.08
C PRO A 125 17.03 16.73 -6.60
N ASN A 126 16.82 17.70 -5.72
CA ASN A 126 17.02 17.50 -4.29
C ASN A 126 15.78 17.13 -3.52
N VAL A 127 14.64 17.04 -4.20
CA VAL A 127 13.43 16.65 -3.50
C VAL A 127 12.94 15.29 -3.97
N LEU A 128 12.35 14.55 -3.04
CA LEU A 128 11.77 13.25 -3.35
C LEU A 128 10.34 13.60 -3.81
N HIS A 129 10.09 13.44 -5.11
CA HIS A 129 8.77 13.75 -5.64
C HIS A 129 7.74 12.67 -5.53
N ALA A 130 6.49 13.10 -5.58
CA ALA A 130 5.36 12.20 -5.51
C ALA A 130 4.78 12.12 -6.91
N ASN A 131 4.77 10.92 -7.48
CA ASN A 131 4.23 10.70 -8.82
C ASN A 131 3.00 9.79 -8.79
N VAL A 132 2.15 9.91 -9.80
CA VAL A 132 1.00 9.03 -9.95
C VAL A 132 0.94 8.68 -11.43
N ALA A 133 0.75 7.41 -11.74
CA ALA A 133 0.61 6.98 -13.12
C ALA A 133 -0.88 6.62 -13.22
N THR A 134 -1.53 7.08 -14.27
CA THR A 134 -2.95 6.84 -14.45
C THR A 134 -3.18 6.01 -15.70
N SER A 135 -4.10 5.05 -15.61
CA SER A 135 -4.45 4.21 -16.74
C SER A 135 -5.97 4.11 -16.86
N THR A 136 -6.45 4.28 -18.10
CA THR A 136 -7.88 4.20 -18.37
C THR A 136 -8.19 3.00 -19.23
N ASP A 137 -7.18 2.19 -19.52
CA ASP A 137 -7.39 1.01 -20.35
C ASP A 137 -7.05 -0.31 -19.64
N GLY A 138 -7.34 -0.36 -18.34
CA GLY A 138 -7.08 -1.56 -17.57
C GLY A 138 -5.64 -1.85 -17.16
N GLY A 139 -4.80 -0.83 -17.17
CA GLY A 139 -3.42 -1.03 -16.78
C GLY A 139 -2.48 -1.35 -17.93
N LEU A 140 -2.94 -1.16 -19.16
CA LEU A 140 -2.09 -1.43 -20.32
C LEU A 140 -1.13 -0.28 -20.61
N THR A 141 -1.66 0.92 -20.75
CA THR A 141 -0.82 2.09 -21.00
C THR A 141 -1.00 3.06 -19.85
N TRP A 142 0.00 3.91 -19.63
CA TRP A 142 -0.02 4.84 -18.51
C TRP A 142 0.39 6.28 -18.86
N SER A 143 -0.21 7.23 -18.14
CA SER A 143 0.08 8.68 -18.29
C SER A 143 0.63 9.10 -16.91
N HIS A 144 1.80 9.74 -16.89
CA HIS A 144 2.44 10.16 -15.63
C HIS A 144 2.27 11.61 -15.24
N ARG A 145 2.25 11.84 -13.92
CA ARG A 145 2.05 13.16 -13.36
C ARG A 145 2.82 13.29 -12.04
N THR A 146 3.50 14.43 -11.87
CA THR A 146 4.21 14.72 -10.62
C THR A 146 3.23 15.62 -9.87
N ILE A 147 2.78 15.17 -8.70
CA ILE A 147 1.76 15.92 -7.93
C ILE A 147 2.25 16.49 -6.60
N THR A 148 3.56 16.55 -6.43
CA THR A 148 4.14 17.03 -5.18
C THR A 148 3.56 18.38 -4.73
N ALA A 149 3.46 19.32 -5.66
CA ALA A 149 2.94 20.65 -5.35
C ALA A 149 1.49 20.61 -4.85
N ASP A 150 0.68 19.74 -5.44
CA ASP A 150 -0.72 19.62 -5.04
C ASP A 150 -0.97 19.06 -3.66
N ILE A 151 -0.06 18.20 -3.20
CA ILE A 151 -0.20 17.53 -1.91
C ILE A 151 0.75 18.01 -0.81
N THR A 152 1.29 19.21 -0.97
CA THR A 152 2.19 19.80 0.02
C THR A 152 1.63 21.18 0.43
N PRO A 153 0.58 21.21 1.27
CA PRO A 153 0.00 22.48 1.69
C PRO A 153 0.90 23.26 2.66
N ASP A 154 1.74 22.54 3.38
CA ASP A 154 2.62 23.17 4.35
C ASP A 154 4.02 23.17 3.73
N PRO A 155 4.57 24.36 3.45
CA PRO A 155 5.92 24.43 2.87
C PRO A 155 7.03 23.77 3.71
N GLY A 156 6.72 23.45 4.96
CA GLY A 156 7.69 22.80 5.83
C GLY A 156 7.77 21.30 5.67
N TRP A 157 6.81 20.69 4.97
CA TRP A 157 6.79 19.23 4.71
C TRP A 157 7.99 19.08 3.76
N ARG A 158 9.13 18.59 4.22
CA ARG A 158 10.27 18.47 3.31
C ARG A 158 10.39 17.14 2.55
N SER A 159 9.59 16.16 2.93
CA SER A 159 9.65 14.86 2.25
C SER A 159 8.32 14.12 2.36
N ARG A 160 8.12 13.16 1.45
CA ARG A 160 6.91 12.34 1.44
C ARG A 160 7.05 11.13 0.53
N PHE A 161 6.25 10.09 0.83
CA PHE A 161 6.18 8.90 0.00
C PHE A 161 4.89 8.15 0.29
N ALA A 162 4.22 7.74 -0.78
CA ALA A 162 2.99 6.98 -0.71
C ALA A 162 3.34 5.62 -0.12
N ALA A 163 2.56 5.18 0.87
CA ALA A 163 2.80 3.88 1.49
C ALA A 163 2.48 2.81 0.46
N SER A 164 3.47 1.97 0.11
CA SER A 164 3.26 0.91 -0.88
C SER A 164 2.18 -0.09 -0.49
N GLY A 165 1.47 -0.56 -1.50
CA GLY A 165 0.40 -1.52 -1.30
C GLY A 165 -0.78 -1.19 -2.16
N GLU A 166 -1.90 -0.90 -1.52
CA GLU A 166 -3.12 -0.55 -2.22
C GLU A 166 -3.98 0.39 -1.37
N GLY A 167 -4.45 1.47 -2.00
CA GLY A 167 -5.30 2.46 -1.36
C GLY A 167 -6.76 2.06 -1.44
N ILE A 168 -7.65 2.97 -1.08
CA ILE A 168 -9.08 2.66 -1.10
C ILE A 168 -10.00 3.74 -1.71
N GLN A 169 -11.26 3.36 -1.91
CA GLN A 169 -12.28 4.28 -2.39
C GLN A 169 -13.43 4.09 -1.39
N LEU A 170 -13.89 5.18 -0.78
CA LEU A 170 -15.00 5.13 0.20
C LEU A 170 -16.32 4.75 -0.46
N ARG A 171 -17.10 3.91 0.22
CA ARG A 171 -18.38 3.47 -0.29
C ARG A 171 -19.57 4.11 0.44
N TYR A 172 -19.35 4.51 1.69
CA TYR A 172 -20.42 5.07 2.51
C TYR A 172 -20.32 6.58 2.79
N GLY A 173 -21.42 7.10 3.33
CA GLY A 173 -21.46 8.49 3.74
C GLY A 173 -21.39 9.63 2.75
N PRO A 174 -21.20 10.84 3.28
CA PRO A 174 -21.12 12.08 2.50
C PRO A 174 -19.93 12.15 1.58
N HIS A 175 -18.92 11.31 1.86
CA HIS A 175 -17.73 11.31 1.02
C HIS A 175 -17.56 10.07 0.15
N ALA A 176 -18.65 9.34 -0.09
CA ALA A 176 -18.62 8.14 -0.93
C ALA A 176 -18.02 8.50 -2.29
N GLY A 177 -17.17 7.61 -2.82
CA GLY A 177 -16.54 7.87 -4.10
C GLY A 177 -15.12 8.43 -3.91
N ARG A 178 -14.85 8.99 -2.74
CA ARG A 178 -13.53 9.55 -2.44
C ARG A 178 -12.42 8.47 -2.49
N LEU A 179 -11.35 8.80 -3.22
CA LEU A 179 -10.18 7.93 -3.38
C LEU A 179 -9.17 8.36 -2.32
N ILE A 180 -8.71 7.41 -1.50
CA ILE A 180 -7.75 7.72 -0.46
C ILE A 180 -6.45 6.93 -0.56
N GLN A 181 -5.35 7.67 -0.58
CA GLN A 181 -4.03 7.07 -0.61
C GLN A 181 -3.17 7.63 0.53
N GLN A 182 -2.64 6.76 1.37
CA GLN A 182 -1.83 7.17 2.51
C GLN A 182 -0.39 7.52 2.17
N TYR A 183 0.12 8.54 2.87
CA TYR A 183 1.48 9.00 2.68
C TYR A 183 2.11 9.17 4.07
N THR A 184 3.45 9.26 4.07
CA THR A 184 4.20 9.55 5.28
C THR A 184 4.96 10.80 4.85
N ILE A 185 5.06 11.77 5.75
CA ILE A 185 5.80 12.99 5.43
C ILE A 185 6.77 13.26 6.57
N ILE A 186 7.76 14.10 6.30
CA ILE A 186 8.69 14.52 7.34
C ILE A 186 8.43 16.02 7.44
N ASN A 187 8.04 16.50 8.62
CA ASN A 187 7.79 17.93 8.78
C ASN A 187 9.07 18.72 9.07
N ALA A 188 8.91 20.02 9.33
CA ALA A 188 10.03 20.92 9.60
C ALA A 188 10.89 20.52 10.80
N ALA A 189 10.25 20.00 11.84
CA ALA A 189 10.94 19.57 13.06
C ALA A 189 11.67 18.26 12.89
N GLY A 190 11.44 17.61 11.75
CA GLY A 190 12.07 16.34 11.49
C GLY A 190 11.22 15.14 11.90
N ALA A 191 9.98 15.40 12.32
CA ALA A 191 9.05 14.37 12.75
C ALA A 191 8.40 13.62 11.58
N PHE A 192 8.20 12.32 11.75
CA PHE A 192 7.56 11.45 10.76
C PHE A 192 6.06 11.47 11.07
N GLN A 193 5.24 11.92 10.12
CA GLN A 193 3.79 11.95 10.34
C GLN A 193 3.02 11.27 9.23
N ALA A 194 1.80 10.83 9.56
CA ALA A 194 0.95 10.18 8.57
C ALA A 194 -0.03 11.23 8.00
N VAL A 195 -0.44 11.05 6.75
CA VAL A 195 -1.38 11.96 6.11
C VAL A 195 -2.11 11.25 4.98
N SER A 196 -3.41 11.53 4.89
CA SER A 196 -4.23 10.96 3.81
C SER A 196 -4.24 11.90 2.61
N VAL A 197 -3.92 11.37 1.44
CA VAL A 197 -4.00 12.16 0.20
C VAL A 197 -5.26 11.64 -0.47
N TYR A 198 -6.12 12.55 -0.90
CA TYR A 198 -7.39 12.11 -1.47
C TYR A 198 -7.88 12.92 -2.66
N SER A 199 -8.85 12.34 -3.37
CA SER A 199 -9.46 13.01 -4.50
C SER A 199 -10.97 12.84 -4.50
N ASP A 200 -11.69 13.95 -4.66
CA ASP A 200 -13.14 13.93 -4.72
C ASP A 200 -13.64 14.04 -6.15
N ASP A 201 -12.74 14.16 -7.11
CA ASP A 201 -13.15 14.26 -8.52
C ASP A 201 -12.59 13.14 -9.42
N HIS A 202 -12.53 11.93 -8.86
CA HIS A 202 -12.07 10.72 -9.53
C HIS A 202 -10.64 10.78 -10.07
N GLY A 203 -9.78 11.49 -9.36
CA GLY A 203 -8.39 11.57 -9.77
C GLY A 203 -7.92 12.79 -10.53
N ARG A 204 -8.82 13.74 -10.82
CA ARG A 204 -8.37 14.93 -11.53
C ARG A 204 -7.45 15.74 -10.63
N THR A 205 -7.90 15.99 -9.42
CA THR A 205 -7.09 16.73 -8.46
C THR A 205 -6.89 15.91 -7.21
N TRP A 206 -5.70 16.02 -6.64
CA TRP A 206 -5.36 15.31 -5.42
C TRP A 206 -4.97 16.35 -4.37
N ARG A 207 -5.33 16.11 -3.11
CA ARG A 207 -4.97 17.04 -2.06
C ARG A 207 -4.75 16.31 -0.73
N ALA A 208 -3.92 16.90 0.12
CA ALA A 208 -3.59 16.32 1.42
C ALA A 208 -4.55 16.73 2.52
N GLY A 209 -4.68 15.87 3.52
CA GLY A 209 -5.53 16.16 4.65
C GLY A 209 -4.60 16.72 5.71
N GLU A 210 -5.04 16.68 6.97
CA GLU A 210 -4.26 17.16 8.09
C GLU A 210 -3.34 16.01 8.51
N ALA A 211 -2.08 16.31 8.82
CA ALA A 211 -1.14 15.28 9.25
C ALA A 211 -1.43 14.84 10.70
N VAL A 212 -1.08 13.59 11.04
CA VAL A 212 -1.28 13.07 12.40
C VAL A 212 -0.10 12.32 12.96
N GLY A 213 -0.03 12.35 14.29
CA GLY A 213 0.99 11.63 15.03
C GLY A 213 2.44 11.99 14.88
N VAL A 214 3.26 11.31 15.66
CA VAL A 214 4.70 11.47 15.63
C VAL A 214 5.16 10.01 15.63
N GLY A 215 6.38 9.76 15.18
CA GLY A 215 6.87 8.39 15.15
C GLY A 215 6.07 7.51 14.19
N MET A 216 5.50 8.15 13.17
CA MET A 216 4.71 7.43 12.17
C MET A 216 5.59 6.91 11.03
N ASP A 217 4.98 6.17 10.13
CA ASP A 217 5.66 5.61 8.96
C ASP A 217 4.61 5.09 7.99
N GLU A 218 4.98 4.13 7.13
CA GLU A 218 4.04 3.57 6.15
C GLU A 218 2.76 3.23 6.90
N ASN A 219 1.65 3.72 6.37
CA ASN A 219 0.37 3.54 7.05
C ASN A 219 -0.72 3.26 6.03
N LYS A 220 -1.73 2.53 6.48
CA LYS A 220 -2.84 2.11 5.62
C LYS A 220 -4.16 2.55 6.22
N THR A 221 -5.19 2.69 5.38
CA THR A 221 -6.52 3.05 5.86
C THR A 221 -7.58 2.10 5.34
N VAL A 222 -8.65 1.92 6.11
CA VAL A 222 -9.79 1.07 5.78
C VAL A 222 -11.05 1.80 6.22
N GLU A 223 -12.13 1.57 5.50
CA GLU A 223 -13.41 2.15 5.84
C GLU A 223 -14.14 1.10 6.68
N LEU A 224 -14.54 1.48 7.89
CA LEU A 224 -15.26 0.57 8.78
C LEU A 224 -16.76 0.48 8.44
N SER A 225 -17.48 -0.41 9.10
CA SER A 225 -18.92 -0.59 8.87
C SER A 225 -19.77 0.67 9.06
N ASP A 226 -19.29 1.63 9.86
CA ASP A 226 -20.05 2.86 10.10
C ASP A 226 -19.53 4.03 9.29
N GLY A 227 -18.59 3.76 8.38
CA GLY A 227 -18.04 4.82 7.57
C GLY A 227 -16.81 5.50 8.12
N ARG A 228 -16.47 5.24 9.37
CA ARG A 228 -15.27 5.81 9.99
C ARG A 228 -14.05 5.20 9.27
N VAL A 229 -12.99 5.99 9.13
CA VAL A 229 -11.80 5.52 8.44
C VAL A 229 -10.71 5.20 9.46
N LEU A 230 -10.34 3.94 9.53
CA LEU A 230 -9.29 3.49 10.46
C LEU A 230 -7.90 3.54 9.82
N LEU A 231 -6.97 4.23 10.49
CA LEU A 231 -5.60 4.34 10.05
C LEU A 231 -4.77 3.34 10.88
N ASN A 232 -3.92 2.56 10.18
CA ASN A 232 -3.08 1.52 10.82
C ASN A 232 -1.65 1.79 10.35
N SER A 233 -0.77 2.09 11.29
CA SER A 233 0.59 2.49 10.95
C SER A 233 1.78 1.72 11.50
N ARG A 234 2.85 1.74 10.71
CA ARG A 234 4.14 1.17 11.10
C ARG A 234 4.62 2.23 12.10
N ASP A 235 5.25 1.78 13.17
CA ASP A 235 5.76 2.70 14.18
C ASP A 235 7.26 2.92 13.99
N SER A 236 7.66 4.11 13.54
CA SER A 236 9.10 4.37 13.34
C SER A 236 9.83 4.55 14.67
N ALA A 237 9.07 4.71 15.76
CA ALA A 237 9.64 4.83 17.11
C ALA A 237 9.83 3.43 17.73
N ARG A 238 9.51 2.41 16.95
CA ARG A 238 9.70 1.01 17.34
C ARG A 238 9.17 0.51 18.70
N SER A 239 7.87 0.62 18.91
CA SER A 239 7.25 0.18 20.15
C SER A 239 7.16 -1.33 20.26
N GLY A 240 7.13 -1.98 19.10
CA GLY A 240 6.99 -3.42 19.01
C GLY A 240 5.56 -3.73 18.58
N TYR A 241 4.80 -2.69 18.25
CA TYR A 241 3.39 -2.81 17.85
C TYR A 241 2.98 -1.86 16.74
N ARG A 242 1.75 -2.00 16.25
CA ARG A 242 1.22 -1.10 15.22
C ARG A 242 0.57 0.11 15.92
N LYS A 243 0.55 1.24 15.24
CA LYS A 243 -0.10 2.43 15.80
C LYS A 243 -1.44 2.60 15.09
N VAL A 244 -2.45 3.09 15.78
CA VAL A 244 -3.77 3.25 15.15
C VAL A 244 -4.45 4.57 15.48
N ALA A 245 -5.27 5.06 14.54
CA ALA A 245 -6.04 6.30 14.70
C ALA A 245 -7.32 6.21 13.86
N VAL A 246 -8.34 7.00 14.17
CA VAL A 246 -9.58 6.96 13.41
C VAL A 246 -10.02 8.34 12.96
N SER A 247 -10.67 8.38 11.79
CA SER A 247 -11.17 9.62 11.25
C SER A 247 -12.68 9.48 11.14
N THR A 248 -13.39 10.55 11.49
CA THR A 248 -14.83 10.53 11.38
C THR A 248 -15.19 11.48 10.27
N ASP A 249 -14.19 12.02 9.58
CA ASP A 249 -14.49 12.96 8.49
C ASP A 249 -14.04 12.68 7.04
N GLY A 250 -14.12 13.76 6.27
CA GLY A 250 -13.79 13.83 4.86
C GLY A 250 -13.43 15.29 4.67
N GLY A 251 -12.17 15.51 5.00
CA GLY A 251 -11.47 16.78 4.99
C GLY A 251 -10.61 16.25 6.12
N HIS A 252 -10.09 15.05 5.85
CA HIS A 252 -9.33 14.25 6.78
C HIS A 252 -8.45 14.80 7.85
N SER A 253 -8.89 14.45 9.05
CA SER A 253 -8.23 14.75 10.29
C SER A 253 -8.49 13.45 11.04
N TYR A 254 -7.51 13.03 11.84
CA TYR A 254 -7.62 11.82 12.60
C TYR A 254 -7.53 12.17 14.07
N GLY A 255 -8.06 11.29 14.92
CA GLY A 255 -8.03 11.49 16.36
C GLY A 255 -6.69 11.08 16.92
N PRO A 256 -6.56 10.95 18.25
CA PRO A 256 -5.28 10.54 18.82
C PRO A 256 -4.80 9.16 18.39
N VAL A 257 -3.48 9.04 18.34
CA VAL A 257 -2.80 7.82 17.96
C VAL A 257 -2.47 7.01 19.20
N THR A 258 -2.72 5.71 19.15
CA THR A 258 -2.39 4.87 20.28
C THR A 258 -1.74 3.60 19.76
N ILE A 259 -1.02 2.90 20.62
CA ILE A 259 -0.38 1.64 20.27
C ILE A 259 -1.39 0.49 20.48
N ASP A 260 -1.49 -0.43 19.51
CA ASP A 260 -2.43 -1.54 19.57
C ASP A 260 -1.67 -2.80 20.00
N ARG A 261 -1.81 -3.20 21.26
CA ARG A 261 -1.08 -4.37 21.76
C ARG A 261 -1.51 -5.69 21.14
N ASP A 262 -2.62 -5.71 20.39
CA ASP A 262 -3.06 -6.94 19.72
C ASP A 262 -2.29 -7.20 18.43
N LEU A 263 -1.60 -6.17 17.95
CA LEU A 263 -0.88 -6.28 16.70
C LEU A 263 0.66 -6.10 16.79
N PRO A 264 1.38 -7.15 17.25
CA PRO A 264 2.85 -7.04 17.34
C PRO A 264 3.42 -6.81 15.93
N ASP A 265 4.52 -6.09 15.84
CA ASP A 265 5.11 -5.73 14.55
C ASP A 265 6.57 -5.32 14.77
N PRO A 266 7.49 -5.77 13.91
CA PRO A 266 8.90 -5.39 14.11
C PRO A 266 9.31 -4.11 13.39
N THR A 267 8.34 -3.24 13.09
CA THR A 267 8.57 -1.98 12.36
C THR A 267 8.78 -2.39 10.91
N ASN A 268 7.67 -2.61 10.25
CA ASN A 268 7.65 -3.13 8.90
C ASN A 268 6.24 -2.78 8.34
N ASN A 269 6.08 -2.87 7.01
CA ASN A 269 4.81 -2.57 6.35
C ASN A 269 3.82 -3.70 6.62
N ALA A 270 2.53 -3.40 6.51
CA ALA A 270 1.47 -4.37 6.75
C ALA A 270 0.29 -3.97 5.87
N SER A 271 -0.75 -4.79 5.86
CA SER A 271 -1.92 -4.51 5.03
C SER A 271 -3.17 -4.79 5.83
N ILE A 272 -4.20 -3.96 5.64
CA ILE A 272 -5.48 -4.14 6.32
C ILE A 272 -6.60 -3.89 5.32
N ILE A 273 -7.47 -4.87 5.16
CA ILE A 273 -8.58 -4.72 4.22
C ILE A 273 -9.94 -5.23 4.75
N ARG A 274 -11.00 -4.86 4.03
CA ARG A 274 -12.35 -5.28 4.34
C ARG A 274 -12.49 -6.65 3.64
N ALA A 275 -12.95 -7.66 4.38
CA ALA A 275 -13.15 -9.00 3.83
C ALA A 275 -14.27 -8.98 2.79
N PHE A 276 -15.27 -8.14 3.05
CA PHE A 276 -16.45 -7.98 2.19
C PHE A 276 -16.60 -6.50 1.88
N PRO A 277 -15.86 -6.03 0.86
CA PRO A 277 -15.90 -4.62 0.48
C PRO A 277 -17.24 -4.05 -0.01
N ASP A 278 -18.13 -4.93 -0.45
CA ASP A 278 -19.41 -4.48 -0.98
C ASP A 278 -20.57 -4.61 -0.02
N ALA A 279 -20.29 -5.05 1.20
CA ALA A 279 -21.36 -5.21 2.17
C ALA A 279 -21.97 -3.86 2.57
N PRO A 280 -23.28 -3.81 2.86
CA PRO A 280 -23.91 -2.54 3.25
C PRO A 280 -23.50 -2.07 4.64
N ALA A 281 -23.50 -0.76 4.83
CA ALA A 281 -23.13 -0.13 6.08
C ALA A 281 -23.90 -0.70 7.27
N GLY A 282 -23.17 -0.94 8.36
CA GLY A 282 -23.77 -1.45 9.57
C GLY A 282 -24.05 -2.93 9.64
N SER A 283 -23.89 -3.63 8.52
CA SER A 283 -24.15 -5.06 8.50
C SER A 283 -23.00 -5.84 9.17
N ALA A 284 -23.28 -7.07 9.56
CA ALA A 284 -22.27 -7.90 10.21
C ALA A 284 -21.03 -8.11 9.29
N ARG A 285 -21.27 -8.34 8.02
CA ARG A 285 -20.19 -8.56 7.05
C ARG A 285 -19.32 -7.35 6.82
N ALA A 286 -19.88 -6.16 7.01
CA ALA A 286 -19.12 -4.91 6.83
C ALA A 286 -18.09 -4.70 7.96
N LYS A 287 -18.27 -5.44 9.06
CA LYS A 287 -17.40 -5.32 10.23
C LYS A 287 -16.17 -6.23 10.19
N VAL A 288 -16.11 -7.07 9.16
CA VAL A 288 -15.01 -8.02 9.01
C VAL A 288 -13.76 -7.47 8.31
N LEU A 289 -12.64 -7.58 9.04
CA LEU A 289 -11.35 -7.10 8.56
C LEU A 289 -10.32 -8.22 8.51
N LEU A 290 -9.40 -8.11 7.54
CA LEU A 290 -8.26 -9.03 7.38
C LEU A 290 -7.03 -8.14 7.51
N PHE A 291 -6.00 -8.66 8.18
CA PHE A 291 -4.75 -7.93 8.40
C PHE A 291 -3.57 -8.87 8.17
N SER A 292 -2.58 -8.42 7.41
CA SER A 292 -1.39 -9.25 7.18
C SER A 292 -0.14 -8.52 7.62
N ASN A 293 0.73 -9.21 8.35
CA ASN A 293 1.99 -8.58 8.76
C ASN A 293 2.95 -9.64 9.28
N ALA A 294 4.13 -9.20 9.73
CA ALA A 294 5.12 -10.09 10.34
C ALA A 294 4.83 -9.96 11.84
N ALA A 295 4.46 -11.06 12.48
CA ALA A 295 4.10 -11.01 13.89
C ALA A 295 5.26 -10.98 14.87
N SER A 296 6.45 -11.35 14.41
CA SER A 296 7.63 -11.32 15.27
C SER A 296 7.99 -9.86 15.64
N GLN A 297 8.37 -9.63 16.88
CA GLN A 297 8.74 -8.28 17.32
C GLN A 297 10.24 -8.07 17.19
N THR A 298 10.97 -9.13 16.89
CA THR A 298 12.41 -9.06 16.78
C THR A 298 12.95 -9.12 15.36
N SER A 299 12.16 -9.65 14.44
CA SER A 299 12.59 -9.75 13.05
C SER A 299 11.42 -9.78 12.10
N ARG A 300 11.73 -9.62 10.81
CA ARG A 300 10.71 -9.65 9.78
C ARG A 300 10.48 -11.11 9.39
N SER A 301 9.68 -11.79 10.21
CA SER A 301 9.35 -13.17 9.98
C SER A 301 8.02 -13.48 10.65
N GLN A 302 7.58 -14.74 10.54
CA GLN A 302 6.33 -15.19 11.13
C GLN A 302 5.14 -14.40 10.55
N GLY A 303 5.05 -14.43 9.23
CA GLY A 303 3.99 -13.76 8.50
C GLY A 303 2.64 -14.37 8.82
N THR A 304 1.71 -13.54 9.31
CA THR A 304 0.40 -14.05 9.65
C THR A 304 -0.75 -13.15 9.26
N ILE A 305 -1.89 -13.80 9.07
CA ILE A 305 -3.12 -13.14 8.71
C ILE A 305 -4.00 -13.18 9.97
N ARG A 306 -4.55 -12.02 10.32
CA ARG A 306 -5.44 -11.93 11.47
C ARG A 306 -6.81 -11.51 10.93
N MET A 307 -7.86 -11.94 11.62
CA MET A 307 -9.21 -11.57 11.21
C MET A 307 -9.99 -11.00 12.40
N SER A 308 -10.69 -9.88 12.15
CA SER A 308 -11.55 -9.25 13.14
C SER A 308 -12.96 -9.28 12.58
N CYS A 309 -13.93 -9.36 13.49
CA CYS A 309 -15.34 -9.39 13.11
C CYS A 309 -16.07 -8.24 13.82
N ASP A 310 -15.31 -7.28 14.34
CA ASP A 310 -15.90 -6.18 15.07
C ASP A 310 -15.18 -4.86 14.79
N ASP A 311 -14.99 -4.58 13.51
CA ASP A 311 -14.33 -3.35 13.04
C ASP A 311 -12.93 -3.08 13.58
N GLY A 312 -12.21 -4.16 13.93
CA GLY A 312 -10.85 -4.02 14.41
C GLY A 312 -10.65 -3.90 15.90
N GLN A 313 -11.70 -4.11 16.70
CA GLN A 313 -11.56 -4.01 18.16
C GLN A 313 -10.74 -5.22 18.66
N THR A 314 -11.14 -6.40 18.22
CA THR A 314 -10.45 -7.62 18.61
C THR A 314 -10.08 -8.38 17.35
N TRP A 315 -9.09 -9.26 17.48
CA TRP A 315 -8.60 -10.09 16.38
C TRP A 315 -8.49 -11.52 16.93
N PRO A 316 -9.64 -12.19 17.11
CA PRO A 316 -9.70 -13.56 17.65
C PRO A 316 -9.16 -14.69 16.79
N VAL A 317 -9.00 -14.45 15.50
CA VAL A 317 -8.50 -15.51 14.60
C VAL A 317 -7.21 -15.09 13.95
N SER A 318 -6.25 -16.01 13.93
CA SER A 318 -4.97 -15.76 13.28
C SER A 318 -4.35 -17.05 12.78
N LYS A 319 -3.63 -16.96 11.66
CA LYS A 319 -2.92 -18.12 11.11
C LYS A 319 -1.66 -17.66 10.40
N VAL A 320 -0.58 -18.39 10.61
CA VAL A 320 0.74 -18.09 10.01
C VAL A 320 0.80 -18.62 8.58
N PHE A 321 1.13 -17.75 7.62
CA PHE A 321 1.24 -18.20 6.24
C PHE A 321 2.70 -18.39 5.83
N GLN A 322 3.61 -17.82 6.62
CA GLN A 322 5.04 -17.94 6.33
C GLN A 322 5.81 -17.92 7.64
N PRO A 323 6.18 -19.12 8.14
CA PRO A 323 6.92 -19.20 9.41
C PRO A 323 8.27 -18.50 9.35
N GLY A 324 8.88 -18.51 8.16
CA GLY A 324 10.18 -17.90 7.99
C GLY A 324 10.17 -16.44 7.61
N SER A 325 11.17 -16.06 6.82
CA SER A 325 11.36 -14.69 6.36
C SER A 325 10.11 -14.16 5.67
N MET A 326 9.67 -12.99 6.11
CA MET A 326 8.49 -12.36 5.54
C MET A 326 8.53 -10.86 5.86
N SER A 327 8.76 -10.06 4.82
CA SER A 327 8.81 -8.62 5.01
C SER A 327 7.50 -7.91 4.66
N TYR A 328 7.44 -7.25 3.51
CA TYR A 328 6.21 -6.53 3.13
C TYR A 328 5.15 -7.51 2.57
N SER A 329 3.88 -7.22 2.85
CA SER A 329 2.76 -8.01 2.37
C SER A 329 1.54 -7.10 2.11
N THR A 330 0.78 -7.41 1.05
CA THR A 330 -0.44 -6.67 0.69
C THR A 330 -1.52 -7.69 0.40
N LEU A 331 -2.76 -7.28 0.67
CA LEU A 331 -3.94 -8.11 0.44
C LEU A 331 -4.96 -7.43 -0.47
N THR A 332 -5.74 -8.23 -1.21
CA THR A 332 -6.86 -7.71 -2.00
C THR A 332 -7.93 -8.79 -1.99
N ALA A 333 -9.17 -8.38 -2.20
CA ALA A 333 -10.30 -9.28 -2.26
C ALA A 333 -10.46 -9.61 -3.73
N LEU A 334 -10.47 -10.90 -4.07
CA LEU A 334 -10.63 -11.32 -5.46
C LEU A 334 -12.13 -11.54 -5.72
N PRO A 335 -12.57 -11.40 -6.98
CA PRO A 335 -14.00 -11.58 -7.28
C PRO A 335 -14.59 -12.99 -7.09
N ASP A 336 -13.75 -13.99 -6.90
CA ASP A 336 -14.28 -15.33 -6.69
C ASP A 336 -14.51 -15.59 -5.20
N GLY A 337 -14.34 -14.54 -4.39
CA GLY A 337 -14.55 -14.70 -2.96
C GLY A 337 -13.31 -15.05 -2.15
N THR A 338 -12.20 -15.28 -2.83
CA THR A 338 -10.98 -15.62 -2.13
C THR A 338 -10.14 -14.35 -2.00
N TYR A 339 -8.94 -14.48 -1.43
CA TYR A 339 -8.06 -13.36 -1.21
C TYR A 339 -6.66 -13.53 -1.79
N GLY A 340 -6.19 -12.47 -2.46
CA GLY A 340 -4.86 -12.42 -3.03
C GLY A 340 -3.91 -11.82 -2.01
N LEU A 341 -2.67 -12.30 -1.98
CA LEU A 341 -1.66 -11.85 -1.04
C LEU A 341 -0.31 -11.77 -1.75
N LEU A 342 0.23 -10.57 -1.93
CA LEU A 342 1.55 -10.40 -2.57
C LEU A 342 2.54 -10.13 -1.43
N TYR A 343 3.58 -10.95 -1.32
CA TYR A 343 4.53 -10.76 -0.23
C TYR A 343 6.01 -10.99 -0.56
N GLU A 344 6.88 -10.58 0.37
CA GLU A 344 8.32 -10.68 0.20
C GLU A 344 8.91 -11.79 1.07
N PRO A 345 9.31 -12.91 0.46
CA PRO A 345 9.91 -14.01 1.24
C PRO A 345 11.44 -13.90 1.36
N GLY A 346 12.02 -12.81 0.85
CA GLY A 346 13.47 -12.64 0.90
C GLY A 346 14.14 -12.95 -0.43
N THR A 347 13.42 -13.63 -1.31
CA THR A 347 13.92 -14.04 -2.63
C THR A 347 13.33 -13.23 -3.81
N GLY A 348 12.45 -12.30 -3.47
CA GLY A 348 11.84 -11.47 -4.49
C GLY A 348 10.41 -11.25 -4.07
N ILE A 349 9.46 -11.47 -4.99
CA ILE A 349 8.07 -11.31 -4.63
C ILE A 349 7.24 -12.57 -4.97
N ARG A 350 6.40 -12.96 -4.03
CA ARG A 350 5.58 -14.17 -4.14
C ARG A 350 4.09 -13.87 -4.02
N TYR A 351 3.29 -14.53 -4.86
CA TYR A 351 1.83 -14.37 -4.83
C TYR A 351 1.20 -15.59 -4.17
N ALA A 352 0.28 -15.34 -3.25
CA ALA A 352 -0.41 -16.40 -2.53
C ALA A 352 -1.90 -16.12 -2.65
N ASN A 353 -2.69 -17.20 -2.61
CA ASN A 353 -4.14 -17.13 -2.70
C ASN A 353 -4.69 -18.02 -1.60
N PHE A 354 -5.60 -17.48 -0.79
CA PHE A 354 -6.21 -18.25 0.28
C PHE A 354 -7.68 -17.89 0.46
N ASN A 355 -8.42 -18.71 1.20
CA ASN A 355 -9.83 -18.42 1.47
C ASN A 355 -10.09 -18.40 2.98
N LEU A 356 -11.30 -18.02 3.38
CA LEU A 356 -11.61 -17.94 4.79
C LEU A 356 -11.58 -19.27 5.52
N ALA A 357 -11.96 -20.35 4.82
CA ALA A 357 -11.93 -21.70 5.41
C ALA A 357 -10.51 -22.03 5.88
N TRP A 358 -9.51 -21.55 5.15
CA TRP A 358 -8.12 -21.80 5.51
C TRP A 358 -7.76 -21.19 6.87
N LEU A 359 -8.32 -20.02 7.16
CA LEU A 359 -8.06 -19.32 8.42
C LEU A 359 -8.43 -20.09 9.70
N GLY A 360 -9.41 -20.98 9.60
CA GLY A 360 -9.79 -21.80 10.75
C GLY A 360 -10.80 -21.32 11.79
N GLY A 361 -10.88 -20.01 11.99
CA GLY A 361 -11.80 -19.47 12.98
C GLY A 361 -13.24 -19.66 12.57
N ILE A 362 -13.56 -19.26 11.34
CA ILE A 362 -14.91 -19.44 10.83
C ILE A 362 -14.89 -20.39 9.63
#